data_8DC5
#
_entry.id   8DC5
#
_cell.length_a   171.633
_cell.length_b   75.322
_cell.length_c   62.218
_cell.angle_alpha   90.000
_cell.angle_beta   110.410
_cell.angle_gamma   90.000
#
_symmetry.space_group_name_H-M   'C 1 2 1'
#
loop_
_entity.id
_entity.type
_entity.pdbx_description
1 polymer 'Envelopment polyprotein'
2 non-polymer 2-acetamido-2-deoxy-beta-D-glucopyranose
3 non-polymer 'IODIDE ION'
4 water water
#
_entity_poly.entity_id   1
_entity_poly.type   'polypeptide(L)'
_entity_poly.pdbx_seq_one_letter_code
;NLEMEIILTLSQGLKKYYGKILKLLHLTLEEDTEGLLEWCKRNLGSNCDDDFFQKRIEEFFITGEGYFNEVLQFKTLSTP
SSTEPSHARLPTAEPFKSYFAKGFLSIDSGYFSAKCYPRSSTSGLQLINVTQHPARIAETPGPKTTSLKTINCINLRASV
FKEHREVEINVLLPQIAVNLSNCHVVINSHVCDYSLDTDGPVRLPRIYHEGTFMPGTYKIVIDRKNKLNDRCTLVTNCVI
KGREVRKGQSVLRQYKTEIKIGKAPTGSLEVLFQ
;
_entity_poly.pdbx_strand_id   A,B
#
loop_
_chem_comp.id
_chem_comp.type
_chem_comp.name
_chem_comp.formula
IOD non-polymer 'IODIDE ION' 'I -1'
NAG D-saccharide, beta linking 2-acetamido-2-deoxy-beta-D-glucopyranose 'C8 H15 N O6'
#
# COMPACT_ATOMS: atom_id res chain seq x y z
N ILE A 6 31.02 -2.24 -25.02
CA ILE A 6 31.42 -2.52 -23.64
C ILE A 6 30.72 -1.56 -22.69
N ILE A 7 30.76 -0.26 -23.01
CA ILE A 7 30.14 0.74 -22.16
C ILE A 7 28.63 0.60 -22.23
N LEU A 8 27.98 0.67 -21.08
CA LEU A 8 26.54 0.48 -20.97
C LEU A 8 25.86 1.83 -20.71
N THR A 9 24.71 2.03 -21.35
CA THR A 9 23.97 3.26 -21.17
C THR A 9 23.24 3.25 -19.82
N LEU A 10 22.52 4.34 -19.53
CA LEU A 10 21.83 4.45 -18.25
C LEU A 10 20.73 3.41 -18.12
N SER A 11 19.89 3.27 -19.15
CA SER A 11 18.79 2.31 -19.09
C SER A 11 19.32 0.88 -19.08
N GLN A 12 20.33 0.58 -19.89
CA GLN A 12 20.88 -0.77 -19.93
C GLN A 12 21.50 -1.15 -18.59
N GLY A 13 22.29 -0.24 -18.00
CA GLY A 13 22.85 -0.52 -16.69
C GLY A 13 21.80 -0.69 -15.61
N LEU A 14 20.74 0.12 -15.68
CA LEU A 14 19.64 -0.03 -14.73
C LEU A 14 18.95 -1.39 -14.89
N LYS A 15 18.79 -1.84 -16.14
CA LYS A 15 18.13 -3.13 -16.38
C LYS A 15 18.98 -4.29 -15.88
N LYS A 16 20.31 -4.19 -16.05
CA LYS A 16 21.19 -5.22 -15.50
C LYS A 16 21.19 -5.19 -13.99
N TYR A 17 21.19 -4.00 -13.39
CA TYR A 17 21.03 -3.85 -11.94
C TYR A 17 19.75 -4.52 -11.48
N TYR A 18 18.65 -4.29 -12.21
CA TYR A 18 17.38 -4.92 -11.86
C TYR A 18 17.43 -6.43 -12.08
N GLY A 19 18.15 -6.89 -13.10
CA GLY A 19 18.23 -8.31 -13.35
C GLY A 19 18.91 -9.07 -12.23
N LYS A 20 19.98 -8.50 -11.68
CA LYS A 20 20.67 -9.18 -10.57
C LYS A 20 19.83 -9.16 -9.31
N ILE A 21 19.11 -8.06 -9.05
CA ILE A 21 18.24 -7.99 -7.88
C ILE A 21 17.16 -9.05 -7.97
N LEU A 22 16.63 -9.28 -9.18
CA LEU A 22 15.58 -10.28 -9.36
C LEU A 22 16.11 -11.69 -9.17
N LYS A 23 17.34 -11.96 -9.60
CA LYS A 23 17.91 -13.28 -9.41
C LYS A 23 18.16 -13.56 -7.93
N LEU A 24 18.61 -12.56 -7.17
CA LEU A 24 18.79 -12.74 -5.74
C LEU A 24 17.45 -12.95 -5.04
N LEU A 25 16.37 -12.39 -5.58
CA LEU A 25 15.03 -12.64 -5.05
C LEU A 25 14.51 -14.02 -5.42
N HIS A 26 15.28 -14.82 -6.16
CA HIS A 26 14.88 -16.16 -6.60
C HIS A 26 13.59 -16.13 -7.42
N LEU A 27 13.39 -15.06 -8.19
CA LEU A 27 12.23 -14.98 -9.08
C LEU A 27 12.55 -15.49 -10.48
N THR A 28 13.79 -15.35 -10.93
CA THR A 28 14.23 -15.86 -12.22
C THR A 28 15.38 -16.84 -12.03
N LEU A 29 15.52 -17.75 -13.00
CA LEU A 29 16.59 -18.74 -12.98
C LEU A 29 17.79 -18.33 -13.81
N GLU A 30 17.69 -17.27 -14.61
CA GLU A 30 18.78 -16.79 -15.44
C GLU A 30 18.95 -15.29 -15.26
N GLU A 31 20.12 -14.79 -15.65
CA GLU A 31 20.41 -13.38 -15.53
C GLU A 31 21.44 -12.98 -16.57
N ASP A 32 21.59 -11.67 -16.76
CA ASP A 32 22.64 -11.10 -17.59
C ASP A 32 23.17 -9.88 -16.84
N THR A 33 24.37 -10.01 -16.27
CA THR A 33 24.93 -8.96 -15.42
C THR A 33 26.32 -8.56 -15.87
N GLU A 34 26.63 -8.74 -17.15
CA GLU A 34 27.95 -8.41 -17.67
C GLU A 34 28.07 -6.92 -17.96
N GLY A 35 29.09 -6.29 -17.38
CA GLY A 35 29.29 -4.86 -17.52
C GLY A 35 28.73 -4.02 -16.40
N LEU A 36 28.31 -4.64 -15.29
CA LEU A 36 27.68 -3.90 -14.20
C LEU A 36 28.70 -3.19 -13.32
N LEU A 37 29.93 -3.69 -13.26
CA LEU A 37 30.91 -3.10 -12.35
C LEU A 37 31.27 -1.67 -12.75
N GLU A 38 31.46 -1.41 -14.04
CA GLU A 38 31.79 -0.07 -14.48
C GLU A 38 30.58 0.86 -14.42
N TRP A 39 29.39 0.34 -14.71
CA TRP A 39 28.18 1.16 -14.63
C TRP A 39 27.93 1.63 -13.20
N CYS A 40 28.23 0.78 -12.21
CA CYS A 40 28.06 1.18 -10.81
C CYS A 40 29.11 2.20 -10.40
N LYS A 41 30.38 1.90 -10.64
CA LYS A 41 31.46 2.80 -10.25
C LYS A 41 31.47 4.10 -11.04
N ARG A 42 30.72 4.18 -12.14
CA ARG A 42 30.61 5.40 -12.93
C ARG A 42 29.37 6.22 -12.59
N ASN A 43 28.26 5.57 -12.25
CA ASN A 43 27.03 6.25 -11.88
C ASN A 43 26.75 6.19 -10.39
N LEU A 44 26.77 5.00 -9.80
CA LEU A 44 26.51 4.87 -8.37
C LEU A 44 27.70 5.32 -7.54
N GLY A 45 28.91 5.01 -7.98
CA GLY A 45 30.11 5.34 -7.24
C GLY A 45 30.53 4.33 -6.20
N SER A 46 29.78 3.23 -6.06
CA SER A 46 30.08 2.20 -5.07
C SER A 46 30.17 0.84 -5.76
N ASN A 47 30.78 -0.12 -5.07
CA ASN A 47 30.89 -1.47 -5.59
C ASN A 47 29.54 -2.15 -5.64
N CYS A 48 29.35 -2.99 -6.66
CA CYS A 48 28.10 -3.71 -6.83
C CYS A 48 28.32 -5.21 -6.67
N ASP A 49 28.81 -5.62 -5.52
CA ASP A 49 29.01 -7.03 -5.21
C ASP A 49 27.73 -7.60 -4.60
N ASP A 50 27.76 -8.91 -4.31
CA ASP A 50 26.57 -9.56 -3.75
C ASP A 50 26.20 -8.98 -2.39
N ASP A 51 27.18 -8.49 -1.63
CA ASP A 51 26.89 -7.86 -0.35
C ASP A 51 26.12 -6.56 -0.53
N PHE A 52 26.55 -5.73 -1.50
CA PHE A 52 25.85 -4.48 -1.77
C PHE A 52 24.38 -4.71 -2.10
N PHE A 53 24.10 -5.65 -3.01
CA PHE A 53 22.72 -5.92 -3.41
C PHE A 53 21.92 -6.50 -2.25
N GLN A 54 22.46 -7.51 -1.56
CA GLN A 54 21.76 -8.13 -0.45
C GLN A 54 21.33 -7.10 0.60
N LYS A 55 22.21 -6.15 0.91
CA LYS A 55 21.85 -5.09 1.84
C LYS A 55 20.76 -4.20 1.24
N ARG A 56 20.84 -3.92 -0.07
CA ARG A 56 19.82 -3.10 -0.71
C ARG A 56 18.46 -3.80 -0.72
N ILE A 57 18.44 -5.10 -1.05
CA ILE A 57 17.18 -5.85 -0.97
C ILE A 57 16.65 -5.85 0.45
N GLU A 58 17.52 -6.06 1.43
CA GLU A 58 17.08 -6.06 2.82
C GLU A 58 16.48 -4.70 3.20
N GLU A 59 17.22 -3.62 2.94
CA GLU A 59 16.75 -2.28 3.31
C GLU A 59 15.46 -1.91 2.59
N PHE A 60 15.23 -2.45 1.40
CA PHE A 60 14.02 -2.11 0.66
C PHE A 60 12.79 -2.79 1.23
N PHE A 61 12.86 -4.11 1.43
CA PHE A 61 11.69 -4.88 1.83
C PHE A 61 11.45 -4.84 3.34
N ILE A 62 12.48 -4.56 4.13
CA ILE A 62 12.35 -4.36 5.57
C ILE A 62 13.28 -3.23 5.99
N THR A 63 13.04 -2.69 7.19
CA THR A 63 13.82 -1.57 7.72
C THR A 63 13.84 -0.38 6.76
N GLY A 64 12.75 -0.22 6.00
CA GLY A 64 12.66 0.90 5.08
C GLY A 64 12.42 2.21 5.81
N GLU A 65 12.91 3.30 5.20
CA GLU A 65 12.87 4.62 5.83
C GLU A 65 12.61 5.69 4.76
N GLY A 66 11.34 6.01 4.56
CA GLY A 66 11.01 7.21 3.78
C GLY A 66 11.10 6.96 2.29
N TYR A 67 11.77 7.87 1.60
CA TYR A 67 11.88 7.86 0.16
C TYR A 67 13.08 7.02 -0.29
N PHE A 68 13.13 6.77 -1.59
CA PHE A 68 14.22 6.00 -2.17
C PHE A 68 14.34 6.38 -3.64
N ASN A 69 15.23 5.71 -4.34
CA ASN A 69 15.44 5.91 -5.76
C ASN A 69 15.26 4.58 -6.51
N GLU A 70 15.30 4.67 -7.83
CA GLU A 70 15.17 3.47 -8.66
C GLU A 70 16.30 2.48 -8.44
N VAL A 71 17.43 2.92 -7.89
CA VAL A 71 18.55 2.03 -7.62
C VAL A 71 18.39 1.39 -6.24
N LEU A 72 17.24 1.65 -5.61
CA LEU A 72 16.88 1.08 -4.30
C LEU A 72 17.73 1.63 -3.16
N GLN A 73 18.20 2.86 -3.28
CA GLN A 73 18.98 3.52 -2.24
C GLN A 73 18.10 4.50 -1.46
N PHE A 74 18.17 4.42 -0.14
CA PHE A 74 17.43 5.30 0.77
C PHE A 74 18.38 6.36 1.31
N LYS A 75 17.80 7.38 1.95
CA LYS A 75 18.61 8.41 2.59
C LYS A 75 17.80 9.08 3.69
N THR A 76 18.39 9.17 4.88
CA THR A 76 17.76 9.80 6.02
C THR A 76 18.22 11.24 6.17
N GLU A 94 25.42 10.17 -9.85
CA GLU A 94 24.65 11.42 -9.81
C GLU A 94 23.26 11.43 -10.48
N PRO A 95 23.00 10.62 -11.52
CA PRO A 95 21.67 10.69 -12.17
C PRO A 95 20.53 10.14 -11.32
N PHE A 96 20.82 9.52 -10.18
CA PHE A 96 19.77 8.95 -9.34
C PHE A 96 19.73 9.61 -7.97
N LYS A 97 19.54 10.93 -7.95
CA LYS A 97 19.53 11.71 -6.71
C LYS A 97 18.18 12.40 -6.49
N SER A 98 17.17 12.12 -7.33
CA SER A 98 15.92 12.84 -7.21
C SER A 98 14.98 12.27 -6.15
N TYR A 99 14.98 10.95 -5.94
CA TYR A 99 14.23 10.30 -4.86
C TYR A 99 12.73 10.63 -4.89
N PHE A 100 12.12 10.53 -6.07
CA PHE A 100 10.67 10.73 -6.17
C PHE A 100 9.91 9.41 -6.22
N ALA A 101 10.23 8.48 -5.33
CA ALA A 101 9.59 7.16 -5.34
C ALA A 101 9.33 6.71 -3.91
N LYS A 102 8.06 6.49 -3.58
CA LYS A 102 7.70 5.93 -2.28
C LYS A 102 6.58 4.89 -2.34
N GLY A 103 5.69 4.94 -3.32
CA GLY A 103 4.64 3.95 -3.47
C GLY A 103 5.20 2.56 -3.72
N PHE A 104 5.76 2.36 -4.91
CA PHE A 104 6.31 1.07 -5.31
C PHE A 104 7.44 1.30 -6.29
N LEU A 105 8.13 0.22 -6.64
CA LEU A 105 9.21 0.27 -7.62
C LEU A 105 9.03 -0.86 -8.62
N SER A 106 9.18 -0.54 -9.90
CA SER A 106 9.02 -1.51 -10.98
C SER A 106 10.40 -2.01 -11.37
N ILE A 107 10.79 -3.17 -10.82
CA ILE A 107 12.07 -3.79 -11.12
C ILE A 107 11.89 -4.59 -12.42
N ASP A 108 12.31 -4.00 -13.54
CA ASP A 108 12.14 -4.60 -14.86
C ASP A 108 13.50 -4.75 -15.50
N SER A 109 13.89 -5.99 -15.81
CA SER A 109 15.17 -6.30 -16.42
C SER A 109 15.11 -6.44 -17.93
N GLY A 110 13.92 -6.50 -18.52
CA GLY A 110 13.79 -6.71 -19.94
C GLY A 110 13.27 -8.11 -20.28
N TYR A 111 13.69 -9.10 -19.51
CA TYR A 111 13.19 -10.46 -19.67
C TYR A 111 12.14 -10.83 -18.64
N PHE A 112 12.06 -10.12 -17.54
CA PHE A 112 11.10 -10.43 -16.48
C PHE A 112 10.88 -9.18 -15.65
N SER A 113 9.63 -8.80 -15.47
CA SER A 113 9.25 -7.60 -14.72
C SER A 113 8.61 -8.00 -13.39
N ALA A 114 8.73 -7.12 -12.41
CA ALA A 114 8.17 -7.35 -11.09
C ALA A 114 7.84 -6.03 -10.42
N LYS A 115 6.63 -5.94 -9.87
CA LYS A 115 6.16 -4.74 -9.16
C LYS A 115 6.33 -5.00 -7.67
N CYS A 116 7.43 -4.51 -7.10
CA CYS A 116 7.77 -4.75 -5.70
C CYS A 116 7.38 -3.56 -4.84
N TYR A 117 6.80 -3.85 -3.67
CA TYR A 117 6.35 -2.83 -2.73
C TYR A 117 7.31 -2.75 -1.55
N PRO A 118 7.78 -1.56 -1.19
CA PRO A 118 8.67 -1.42 -0.04
C PRO A 118 7.92 -1.46 1.29
N ARG A 119 8.70 -1.64 2.36
CA ARG A 119 8.12 -1.61 3.70
C ARG A 119 7.51 -0.25 4.00
N SER A 120 8.04 0.82 3.39
CA SER A 120 7.44 2.14 3.51
C SER A 120 5.98 2.15 3.10
N SER A 121 5.53 1.14 2.36
CA SER A 121 4.12 0.98 2.02
C SER A 121 3.39 0.00 2.93
N THR A 122 4.11 -0.79 3.74
CA THR A 122 3.52 -1.82 4.59
C THR A 122 3.82 -1.48 6.04
N SER A 123 2.83 -0.91 6.73
CA SER A 123 2.92 -0.60 8.16
C SER A 123 4.16 0.23 8.50
N LEU A 127 5.85 -10.56 5.86
CA LEU A 127 6.99 -11.42 5.57
C LEU A 127 7.30 -12.29 6.79
N ILE A 128 7.20 -13.61 6.63
CA ILE A 128 7.47 -14.54 7.73
C ILE A 128 8.94 -14.94 7.75
N ASN A 129 9.37 -15.53 8.87
CA ASN A 129 10.74 -16.01 9.04
C ASN A 129 10.72 -17.52 8.81
N VAL A 130 11.17 -17.93 7.62
CA VAL A 130 11.20 -19.36 7.29
C VAL A 130 12.50 -19.97 7.79
N PRO A 134 9.35 -26.26 6.21
CA PRO A 134 8.68 -26.48 7.50
C PRO A 134 8.42 -27.95 7.77
N ALA A 135 7.44 -28.22 8.63
CA ALA A 135 7.06 -29.60 8.92
C ALA A 135 6.35 -30.22 7.72
N ARG A 136 6.38 -31.55 7.69
CA ARG A 136 5.69 -32.32 6.67
C ARG A 136 4.49 -32.98 7.32
N ILE A 137 3.34 -32.91 6.65
CA ILE A 137 2.07 -33.33 7.21
C ILE A 137 1.77 -34.75 6.76
N ALA A 138 1.03 -35.48 7.60
CA ALA A 138 0.69 -36.86 7.31
C ALA A 138 -0.22 -36.95 6.09
N GLU A 139 -0.43 -38.18 5.63
CA GLU A 139 -1.16 -38.45 4.41
C GLU A 139 -2.57 -38.95 4.72
N THR A 140 -3.53 -38.56 3.88
CA THR A 140 -4.92 -38.96 3.98
C THR A 140 -5.43 -39.38 2.60
N PRO A 141 -6.36 -40.35 2.56
CA PRO A 141 -6.93 -40.76 1.27
C PRO A 141 -7.88 -39.71 0.68
N PRO A 143 -9.42 -37.41 -2.97
CA PRO A 143 -9.29 -37.47 -4.43
C PRO A 143 -8.18 -36.57 -4.95
N LYS A 144 -7.54 -36.99 -6.04
CA LYS A 144 -6.44 -36.25 -6.64
C LYS A 144 -6.84 -35.46 -7.88
N THR A 145 -8.07 -35.63 -8.35
CA THR A 145 -8.56 -34.89 -9.50
C THR A 145 -9.94 -34.31 -9.22
N THR A 150 -13.75 -25.21 -7.18
CA THR A 150 -14.63 -26.27 -6.68
C THR A 150 -13.84 -27.30 -5.88
N ILE A 151 -13.24 -26.85 -4.78
CA ILE A 151 -12.47 -27.72 -3.90
C ILE A 151 -12.85 -27.42 -2.45
N ASN A 152 -12.27 -28.21 -1.53
CA ASN A 152 -12.55 -28.14 -0.10
C ASN A 152 -11.22 -28.31 0.65
N CYS A 153 -10.35 -27.32 0.52
CA CYS A 153 -9.02 -27.33 1.12
C CYS A 153 -8.89 -26.25 2.19
N ILE A 154 -8.28 -26.62 3.32
CA ILE A 154 -7.98 -25.64 4.37
C ILE A 154 -6.89 -24.66 3.94
N ASN A 155 -5.96 -25.10 3.09
CA ASN A 155 -4.86 -24.26 2.65
C ASN A 155 -5.19 -23.40 1.42
N LEU A 156 -6.25 -23.72 0.69
CA LEU A 156 -6.54 -23.06 -0.57
C LEU A 156 -7.89 -22.34 -0.51
N ARG A 157 -7.96 -21.18 -1.16
N ARG A 157 -7.96 -21.17 -1.14
CA ARG A 157 -9.17 -20.37 -1.22
CA ARG A 157 -9.18 -20.37 -1.21
C ARG A 157 -9.43 -20.03 -2.69
C ARG A 157 -9.42 -20.03 -2.68
N ALA A 158 -10.42 -20.67 -3.28
CA ALA A 158 -10.73 -20.52 -4.70
C ALA A 158 -11.90 -19.56 -4.87
N SER A 159 -11.68 -18.50 -5.66
CA SER A 159 -12.72 -17.54 -6.02
C SER A 159 -12.83 -17.46 -7.53
N VAL A 160 -14.06 -17.33 -8.03
CA VAL A 160 -14.33 -17.24 -9.46
C VAL A 160 -15.04 -15.93 -9.75
N PHE A 161 -14.39 -15.06 -10.52
CA PHE A 161 -14.94 -13.77 -10.95
C PHE A 161 -15.40 -13.90 -12.40
N LYS A 162 -16.72 -13.83 -12.60
CA LYS A 162 -17.26 -13.83 -13.96
C LYS A 162 -16.70 -12.72 -14.83
N GLU A 163 -16.10 -11.70 -14.23
CA GLU A 163 -15.45 -10.63 -14.99
C GLU A 163 -14.25 -11.14 -15.80
N GLU A 166 -12.18 -14.72 -14.79
CA GLU A 166 -10.91 -15.00 -14.15
C GLU A 166 -11.10 -15.90 -12.93
N VAL A 167 -10.04 -16.59 -12.53
CA VAL A 167 -10.08 -17.53 -11.43
C VAL A 167 -8.87 -17.29 -10.54
N GLU A 168 -9.10 -17.06 -9.26
CA GLU A 168 -8.04 -16.82 -8.29
C GLU A 168 -7.98 -17.98 -7.29
N ILE A 169 -6.79 -18.51 -7.08
CA ILE A 169 -6.56 -19.59 -6.13
C ILE A 169 -5.58 -19.07 -5.09
N ASN A 170 -6.09 -18.38 -4.08
CA ASN A 170 -5.24 -17.89 -3.00
C ASN A 170 -4.72 -19.06 -2.17
N VAL A 171 -3.45 -19.00 -1.79
CA VAL A 171 -2.83 -20.01 -0.95
C VAL A 171 -2.47 -19.38 0.39
N LEU A 172 -2.55 -20.19 1.45
CA LEU A 172 -2.22 -19.73 2.79
C LEU A 172 -0.95 -20.36 3.35
N LEU A 173 -0.47 -21.46 2.75
CA LEU A 173 0.77 -22.12 3.16
C LEU A 173 1.77 -21.93 2.04
N PRO A 174 2.54 -20.84 2.03
CA PRO A 174 3.45 -20.60 0.91
C PRO A 174 4.56 -21.63 0.78
N GLN A 175 4.99 -22.23 1.89
CA GLN A 175 6.01 -23.26 1.83
C GLN A 175 5.51 -24.48 1.06
N ILE A 176 4.26 -24.89 1.31
CA ILE A 176 3.64 -25.90 0.47
C ILE A 176 3.52 -25.34 -0.93
N ALA A 177 4.14 -26.00 -1.90
CA ALA A 177 4.25 -25.47 -3.24
C ALA A 177 3.05 -25.84 -4.09
N VAL A 178 2.76 -24.98 -5.06
CA VAL A 178 1.71 -25.22 -6.06
C VAL A 178 2.41 -25.20 -7.41
N ASN A 179 2.68 -26.38 -7.96
CA ASN A 179 3.34 -26.45 -9.26
C ASN A 179 2.30 -26.33 -10.38
N LEU A 180 2.55 -25.38 -11.28
CA LEU A 180 1.71 -25.18 -12.46
C LEU A 180 2.22 -26.02 -13.62
N SER A 181 1.33 -26.28 -14.57
CA SER A 181 1.68 -27.05 -15.76
C SER A 181 0.88 -26.50 -16.94
N ASN A 182 1.59 -26.09 -18.00
CA ASN A 182 0.98 -25.55 -19.22
C ASN A 182 0.04 -24.39 -18.89
N CYS A 183 0.59 -23.39 -18.20
CA CYS A 183 -0.23 -22.33 -17.64
C CYS A 183 0.46 -20.99 -17.79
N HIS A 184 -0.34 -19.93 -17.70
CA HIS A 184 0.14 -18.55 -17.76
C HIS A 184 -0.64 -17.77 -16.71
N VAL A 185 0.00 -17.49 -15.57
CA VAL A 185 -0.66 -16.88 -14.43
C VAL A 185 0.01 -15.56 -14.08
N VAL A 186 -0.66 -14.78 -13.25
CA VAL A 186 -0.11 -13.59 -12.61
C VAL A 186 -0.34 -13.76 -11.11
N ILE A 187 0.73 -13.71 -10.33
CA ILE A 187 0.64 -13.90 -8.89
C ILE A 187 0.83 -12.56 -8.21
N ASN A 188 -0.05 -12.25 -7.26
CA ASN A 188 -0.01 -11.01 -6.50
C ASN A 188 0.36 -11.29 -5.05
N SER A 189 0.93 -10.28 -4.40
CA SER A 189 1.33 -10.38 -3.00
C SER A 189 1.57 -8.98 -2.47
N HIS A 190 1.84 -8.89 -1.16
CA HIS A 190 2.16 -7.63 -0.53
C HIS A 190 3.65 -7.29 -0.61
N VAL A 191 4.45 -8.13 -1.25
CA VAL A 191 5.88 -7.89 -1.39
C VAL A 191 6.27 -7.62 -2.84
N CYS A 192 5.65 -8.34 -3.78
CA CYS A 192 5.94 -8.17 -5.21
C CYS A 192 4.92 -8.89 -6.09
N ASP A 193 4.37 -8.18 -7.06
CA ASP A 193 3.45 -8.75 -8.04
C ASP A 193 4.18 -8.96 -9.36
N TYR A 194 3.93 -10.10 -9.98
CA TYR A 194 4.56 -10.43 -11.27
C TYR A 194 3.80 -11.59 -11.89
N SER A 195 4.12 -11.85 -13.16
CA SER A 195 3.47 -12.90 -13.94
C SER A 195 4.45 -14.03 -14.19
N LEU A 196 3.92 -15.26 -14.22
CA LEU A 196 4.73 -16.44 -14.42
C LEU A 196 4.14 -17.28 -15.55
N ASP A 197 5.01 -17.85 -16.36
CA ASP A 197 4.62 -18.81 -17.40
C ASP A 197 5.44 -20.09 -17.36
N THR A 198 6.59 -20.12 -16.69
CA THR A 198 7.40 -21.32 -16.60
C THR A 198 6.66 -22.38 -15.79
N ASP A 199 6.57 -23.59 -16.34
CA ASP A 199 5.90 -24.68 -15.67
C ASP A 199 6.80 -25.28 -14.61
N GLY A 200 6.22 -25.63 -13.47
CA GLY A 200 6.96 -26.15 -12.35
C GLY A 200 6.64 -25.42 -11.07
N PRO A 201 7.58 -25.42 -10.12
CA PRO A 201 7.31 -24.76 -8.83
C PRO A 201 7.22 -23.26 -8.97
N VAL A 202 6.27 -22.66 -8.25
CA VAL A 202 6.12 -21.21 -8.24
C VAL A 202 7.29 -20.59 -7.47
N ARG A 203 7.91 -19.59 -8.06
CA ARG A 203 9.07 -18.93 -7.48
C ARG A 203 8.61 -17.70 -6.70
N LEU A 204 8.85 -17.72 -5.38
CA LEU A 204 8.46 -16.62 -4.52
C LEU A 204 9.68 -15.82 -4.07
N PRO A 205 9.53 -14.52 -3.85
CA PRO A 205 10.67 -13.72 -3.37
C PRO A 205 11.14 -14.20 -2.00
N ARG A 206 12.44 -14.11 -1.78
CA ARG A 206 13.06 -14.56 -0.54
C ARG A 206 14.11 -13.55 -0.12
N ILE A 207 13.85 -12.84 0.98
CA ILE A 207 14.77 -11.83 1.50
C ILE A 207 15.62 -12.46 2.58
N TYR A 208 16.91 -12.13 2.59
CA TYR A 208 17.86 -12.66 3.56
C TYR A 208 18.25 -11.56 4.53
N HIS A 209 17.86 -11.72 5.79
CA HIS A 209 18.20 -10.78 6.85
C HIS A 209 18.14 -11.56 8.16
N GLU A 210 19.31 -12.02 8.63
CA GLU A 210 19.42 -12.93 9.76
C GLU A 210 18.68 -14.24 9.53
N GLY A 211 18.37 -14.54 8.28
CA GLY A 211 17.58 -15.70 7.94
C GLY A 211 16.85 -15.47 6.63
N THR A 212 16.04 -16.45 6.25
CA THR A 212 15.29 -16.42 5.01
C THR A 212 13.86 -15.97 5.29
N PHE A 213 13.45 -14.87 4.68
CA PHE A 213 12.10 -14.33 4.84
C PHE A 213 11.33 -14.49 3.53
N MET A 214 10.19 -15.17 3.61
CA MET A 214 9.30 -15.43 2.49
C MET A 214 7.94 -14.82 2.77
N PRO A 215 7.18 -14.44 1.75
CA PRO A 215 5.84 -13.87 1.98
C PRO A 215 4.94 -14.85 2.73
N GLY A 216 3.99 -14.29 3.48
CA GLY A 216 3.09 -15.12 4.27
C GLY A 216 2.00 -15.78 3.46
N THR A 217 1.58 -15.15 2.35
CA THR A 217 0.55 -15.70 1.49
C THR A 217 0.56 -14.95 0.17
N TYR A 218 0.24 -15.65 -0.91
CA TYR A 218 0.17 -15.05 -2.23
C TYR A 218 -1.08 -15.56 -2.95
N LYS A 219 -1.52 -14.78 -3.92
CA LYS A 219 -2.73 -15.07 -4.69
C LYS A 219 -2.34 -15.30 -6.14
N ILE A 220 -2.96 -16.30 -6.78
CA ILE A 220 -2.65 -16.67 -8.15
C ILE A 220 -3.91 -16.44 -8.98
N VAL A 221 -3.86 -15.43 -9.86
CA VAL A 221 -4.97 -15.12 -10.75
C VAL A 221 -4.70 -15.78 -12.09
N ILE A 222 -5.76 -16.29 -12.72
CA ILE A 222 -5.67 -17.01 -13.98
C ILE A 222 -6.74 -16.47 -14.92
N ASP A 223 -6.31 -16.03 -16.10
CA ASP A 223 -7.23 -15.50 -17.11
C ASP A 223 -7.80 -16.67 -17.90
N ARG A 224 -9.11 -16.92 -17.73
CA ARG A 224 -9.75 -18.03 -18.43
C ARG A 224 -9.76 -17.81 -19.94
N LYS A 225 -10.10 -16.60 -20.37
CA LYS A 225 -10.10 -16.27 -21.79
C LYS A 225 -8.68 -16.19 -22.34
N LEU A 228 -6.23 -19.23 -23.85
CA LEU A 228 -4.78 -19.32 -23.73
C LEU A 228 -4.38 -20.19 -22.55
N ASN A 229 -5.23 -20.20 -21.52
CA ASN A 229 -5.01 -21.03 -20.33
C ASN A 229 -5.97 -22.21 -20.32
N ASP A 230 -6.06 -22.94 -21.43
CA ASP A 230 -7.01 -24.05 -21.51
C ASP A 230 -6.46 -25.30 -20.83
N ARG A 231 -5.21 -25.66 -21.12
CA ARG A 231 -4.59 -26.87 -20.59
C ARG A 231 -3.83 -26.62 -19.30
N CYS A 232 -4.23 -25.62 -18.52
CA CYS A 232 -3.55 -25.27 -17.29
C CYS A 232 -3.96 -26.23 -16.19
N THR A 233 -2.97 -26.89 -15.57
CA THR A 233 -3.21 -27.81 -14.47
C THR A 233 -2.30 -27.44 -13.30
N LEU A 234 -2.91 -27.27 -12.13
CA LEU A 234 -2.17 -27.00 -10.89
C LEU A 234 -2.17 -28.26 -10.04
N VAL A 235 -0.98 -28.75 -9.69
CA VAL A 235 -0.83 -29.88 -8.79
C VAL A 235 -0.39 -29.34 -7.44
N THR A 236 -1.21 -29.57 -6.42
CA THR A 236 -0.93 -29.06 -5.08
C THR A 236 -1.26 -30.14 -4.05
N ASN A 237 -1.08 -29.80 -2.79
CA ASN A 237 -1.34 -30.68 -1.66
C ASN A 237 -2.51 -30.10 -0.87
N CYS A 238 -3.70 -30.65 -1.10
CA CYS A 238 -4.88 -30.16 -0.39
C CYS A 238 -4.83 -30.62 1.07
N VAL A 239 -5.10 -29.68 1.98
CA VAL A 239 -5.02 -29.92 3.41
C VAL A 239 -6.41 -30.11 3.98
N ILE A 240 -6.61 -31.21 4.70
CA ILE A 240 -7.87 -31.51 5.38
C ILE A 240 -7.60 -31.55 6.88
N LYS A 241 -8.57 -31.09 7.66
CA LYS A 241 -8.43 -31.05 9.11
C LYS A 241 -8.45 -32.46 9.72
N SER A 250 -7.37 -30.74 16.23
CA SER A 250 -7.02 -29.70 15.25
C SER A 250 -5.81 -30.11 14.44
N VAL A 251 -5.62 -31.41 14.26
CA VAL A 251 -4.51 -31.92 13.45
C VAL A 251 -4.87 -31.83 11.96
N LEU A 252 -3.85 -31.52 11.15
CA LEU A 252 -3.99 -31.32 9.71
C LEU A 252 -3.56 -32.56 8.95
N ARG A 253 -4.11 -32.73 7.75
CA ARG A 253 -3.87 -33.87 6.88
C ARG A 253 -3.50 -33.36 5.49
N GLN A 254 -3.02 -34.27 4.64
CA GLN A 254 -2.49 -33.87 3.34
C GLN A 254 -2.80 -34.94 2.30
N TYR A 255 -3.34 -34.52 1.16
CA TYR A 255 -3.55 -35.39 0.01
C TYR A 255 -3.39 -34.58 -1.27
N LYS A 256 -2.74 -35.18 -2.25
CA LYS A 256 -2.48 -34.48 -3.51
C LYS A 256 -3.76 -34.30 -4.30
N THR A 257 -3.79 -33.25 -5.13
CA THR A 257 -4.93 -32.97 -5.99
C THR A 257 -4.43 -32.22 -7.23
N GLU A 258 -5.09 -32.47 -8.36
CA GLU A 258 -4.77 -31.79 -9.61
C GLU A 258 -5.96 -30.92 -10.00
N ILE A 259 -5.85 -29.63 -9.75
CA ILE A 259 -6.91 -28.68 -10.09
C ILE A 259 -6.62 -28.08 -11.46
N LYS A 260 -7.50 -28.33 -12.42
CA LYS A 260 -7.40 -27.79 -13.77
C LYS A 260 -8.45 -26.71 -13.99
N ILE A 261 -8.07 -25.67 -14.74
CA ILE A 261 -8.95 -24.54 -15.03
C ILE A 261 -9.38 -24.63 -16.48
N GLY A 262 -10.64 -24.31 -16.73
CA GLY A 262 -11.19 -24.36 -18.07
C GLY A 262 -11.55 -25.76 -18.52
N ILE B 7 -33.36 15.82 -12.04
CA ILE B 7 -32.80 14.48 -12.21
C ILE B 7 -31.31 14.59 -12.49
N LEU B 8 -30.52 13.74 -11.84
CA LEU B 8 -29.07 13.78 -11.95
C LEU B 8 -28.56 12.63 -12.81
N THR B 9 -27.54 12.90 -13.62
CA THR B 9 -26.93 11.90 -14.48
C THR B 9 -26.05 10.97 -13.65
N LEU B 10 -25.41 10.02 -14.34
CA LEU B 10 -24.59 9.02 -13.66
C LEU B 10 -23.39 9.67 -12.96
N SER B 11 -22.67 10.54 -13.68
CA SER B 11 -21.50 11.18 -13.09
C SER B 11 -21.88 12.13 -11.97
N GLN B 12 -22.94 12.93 -12.17
CA GLN B 12 -23.36 13.86 -11.13
C GLN B 12 -23.81 13.14 -9.87
N GLY B 13 -24.56 12.05 -10.03
CA GLY B 13 -24.96 11.26 -8.88
C GLY B 13 -23.77 10.66 -8.14
N LEU B 14 -22.75 10.22 -8.89
CA LEU B 14 -21.55 9.71 -8.27
C LEU B 14 -20.83 10.77 -7.45
N LYS B 15 -20.77 12.00 -7.97
CA LYS B 15 -20.08 13.07 -7.25
C LYS B 15 -20.83 13.44 -5.97
N LYS B 16 -22.16 13.44 -6.02
CA LYS B 16 -22.93 13.66 -4.80
C LYS B 16 -22.77 12.51 -3.84
N TYR B 17 -22.76 11.27 -4.36
CA TYR B 17 -22.45 10.11 -3.54
C TYR B 17 -21.10 10.27 -2.85
N TYR B 18 -20.10 10.76 -3.60
CA TYR B 18 -18.80 11.02 -3.00
C TYR B 18 -18.86 12.17 -2.00
N GLY B 19 -19.71 13.16 -2.26
CA GLY B 19 -19.84 14.29 -1.35
C GLY B 19 -20.36 13.89 0.01
N LYS B 20 -21.36 13.00 0.04
CA LYS B 20 -21.90 12.54 1.32
C LYS B 20 -20.89 11.68 2.06
N ILE B 21 -20.17 10.81 1.34
CA ILE B 21 -19.15 9.98 1.98
C ILE B 21 -18.04 10.87 2.56
N LEU B 22 -17.69 11.95 1.86
CA LEU B 22 -16.65 12.84 2.35
C LEU B 22 -17.11 13.60 3.59
N LYS B 23 -18.38 14.00 3.63
CA LYS B 23 -18.89 14.69 4.81
C LYS B 23 -18.98 13.75 6.00
N LEU B 24 -19.36 12.49 5.77
CA LEU B 24 -19.38 11.52 6.86
C LEU B 24 -17.98 11.21 7.37
N LEU B 25 -16.98 11.31 6.50
CA LEU B 25 -15.58 11.16 6.91
C LEU B 25 -15.05 12.36 7.67
N HIS B 26 -15.87 13.40 7.86
CA HIS B 26 -15.45 14.64 8.51
C HIS B 26 -14.26 15.27 7.78
N LEU B 27 -14.21 15.10 6.46
CA LEU B 27 -13.17 15.73 5.66
C LEU B 27 -13.60 17.08 5.11
N THR B 28 -14.90 17.25 4.83
CA THR B 28 -15.47 18.50 4.39
C THR B 28 -16.56 18.93 5.36
N LEU B 29 -16.79 20.23 5.44
CA LEU B 29 -17.84 20.79 6.29
C LEU B 29 -19.12 21.10 5.54
N GLU B 30 -19.12 21.01 4.21
CA GLU B 30 -20.29 21.30 3.40
C GLU B 30 -20.52 20.15 2.42
N GLU B 31 -21.72 20.10 1.86
CA GLU B 31 -22.09 19.03 0.96
C GLU B 31 -23.16 19.52 -0.01
N ASP B 32 -23.38 18.73 -1.05
CA ASP B 32 -24.48 18.94 -2.00
C ASP B 32 -25.03 17.54 -2.27
N THR B 33 -26.16 17.21 -1.66
CA THR B 33 -26.73 15.87 -1.75
C THR B 33 -28.18 15.90 -2.18
N GLU B 34 -28.59 16.93 -2.92
CA GLU B 34 -29.96 17.05 -3.36
C GLU B 34 -30.17 16.18 -4.59
N GLY B 35 -31.11 15.23 -4.51
CA GLY B 35 -31.34 14.30 -5.58
C GLY B 35 -30.57 13.01 -5.47
N LEU B 36 -29.91 12.75 -4.33
CA LEU B 36 -29.07 11.57 -4.21
C LEU B 36 -29.89 10.31 -3.94
N LEU B 37 -31.04 10.44 -3.27
CA LEU B 37 -31.85 9.26 -2.98
C LEU B 37 -32.43 8.69 -4.28
N GLU B 38 -32.82 9.56 -5.20
CA GLU B 38 -33.38 9.10 -6.46
C GLU B 38 -32.30 8.44 -7.33
N TRP B 39 -31.07 8.95 -7.27
CA TRP B 39 -29.98 8.33 -8.00
C TRP B 39 -29.69 6.93 -7.48
N CYS B 40 -29.80 6.72 -6.16
CA CYS B 40 -29.54 5.41 -5.59
C CYS B 40 -30.66 4.43 -5.94
N LYS B 41 -31.92 4.79 -5.66
CA LYS B 41 -33.02 3.87 -5.92
C LYS B 41 -33.25 3.62 -7.40
N ARG B 42 -32.67 4.43 -8.28
CA ARG B 42 -32.79 4.24 -9.72
C ARG B 42 -31.60 3.51 -10.31
N ASN B 43 -30.40 3.73 -9.79
CA ASN B 43 -29.18 3.09 -10.26
C ASN B 43 -28.68 2.01 -9.30
N LEU B 44 -28.53 2.35 -8.02
CA LEU B 44 -28.02 1.38 -7.05
C LEU B 44 -29.07 0.33 -6.71
N GLY B 45 -30.34 0.73 -6.60
CA GLY B 45 -31.40 -0.16 -6.20
C GLY B 45 -31.59 -0.31 -4.72
N SER B 46 -30.83 0.40 -3.89
CA SER B 46 -30.93 0.33 -2.44
C SER B 46 -31.13 1.72 -1.87
N ASN B 47 -31.61 1.76 -0.62
CA ASN B 47 -31.82 3.03 0.05
C ASN B 47 -30.48 3.69 0.37
N CYS B 48 -30.44 5.02 0.30
CA CYS B 48 -29.21 5.75 0.57
C CYS B 48 -29.35 6.63 1.80
N ASP B 49 -29.67 6.04 2.95
CA ASP B 49 -29.75 6.77 4.21
C ASP B 49 -28.38 6.76 4.89
N ASP B 50 -28.31 7.43 6.05
CA ASP B 50 -27.04 7.49 6.78
C ASP B 50 -26.58 6.11 7.23
N ASP B 51 -27.51 5.19 7.50
CA ASP B 51 -27.13 3.84 7.88
C ASP B 51 -26.46 3.11 6.73
N PHE B 52 -27.02 3.23 5.52
CA PHE B 52 -26.42 2.61 4.34
C PHE B 52 -25.00 3.11 4.13
N PHE B 53 -24.81 4.44 4.17
CA PHE B 53 -23.48 5.01 3.96
C PHE B 53 -22.52 4.61 5.07
N GLN B 54 -22.97 4.71 6.32
CA GLN B 54 -22.11 4.32 7.44
C GLN B 54 -21.61 2.90 7.30
N LYS B 55 -22.48 1.99 6.85
CA LYS B 55 -22.05 0.61 6.61
C LYS B 55 -21.05 0.54 5.47
N ARG B 56 -21.26 1.34 4.41
CA ARG B 56 -20.32 1.35 3.29
C ARG B 56 -18.95 1.85 3.72
N ILE B 57 -18.92 2.91 4.52
CA ILE B 57 -17.65 3.38 5.09
C ILE B 57 -17.04 2.29 5.95
N GLU B 58 -17.86 1.61 6.76
CA GLU B 58 -17.34 0.56 7.63
C GLU B 58 -16.70 -0.57 6.82
N GLU B 59 -17.42 -1.13 5.85
CA GLU B 59 -16.89 -2.22 5.05
C GLU B 59 -15.67 -1.78 4.22
N PHE B 60 -15.59 -0.50 3.86
CA PHE B 60 -14.50 -0.05 3.00
C PHE B 60 -13.20 0.05 3.77
N PHE B 61 -13.21 0.75 4.90
CA PHE B 61 -11.98 1.02 5.63
C PHE B 61 -11.58 -0.09 6.60
N ILE B 62 -12.53 -0.94 7.00
CA ILE B 62 -12.23 -2.12 7.81
C ILE B 62 -13.07 -3.29 7.30
N THR B 63 -12.66 -4.50 7.67
CA THR B 63 -13.31 -5.74 7.24
C THR B 63 -13.41 -5.80 5.71
N GLY B 64 -12.48 -5.15 5.01
CA GLY B 64 -12.47 -5.22 3.56
C GLY B 64 -11.96 -6.56 3.09
N GLU B 65 -12.53 -7.04 1.97
CA GLU B 65 -12.19 -8.37 1.47
C GLU B 65 -12.28 -8.34 -0.06
N GLY B 66 -11.15 -8.11 -0.71
CA GLY B 66 -11.07 -8.28 -2.15
C GLY B 66 -11.54 -7.07 -2.92
N TYR B 67 -12.40 -7.31 -3.92
CA TYR B 67 -12.77 -6.27 -4.86
C TYR B 67 -14.00 -5.48 -4.40
N PHE B 68 -14.23 -4.36 -5.07
CA PHE B 68 -15.35 -3.47 -4.77
C PHE B 68 -15.65 -2.64 -6.01
N ASN B 69 -16.58 -1.70 -5.88
CA ASN B 69 -16.90 -0.73 -6.92
C ASN B 69 -16.76 0.68 -6.37
N GLU B 70 -16.91 1.67 -7.25
CA GLU B 70 -16.85 3.06 -6.82
C GLU B 70 -17.98 3.42 -5.86
N VAL B 71 -19.01 2.58 -5.76
CA VAL B 71 -20.11 2.82 -4.85
C VAL B 71 -19.81 2.27 -3.45
N LEU B 72 -18.60 1.74 -3.25
CA LEU B 72 -18.15 1.20 -1.96
C LEU B 72 -18.89 -0.08 -1.59
N GLN B 73 -19.34 -0.84 -2.59
CA GLN B 73 -20.02 -2.11 -2.36
C GLN B 73 -19.03 -3.23 -2.59
N PHE B 74 -18.92 -4.14 -1.62
CA PHE B 74 -17.98 -5.24 -1.69
C PHE B 74 -18.70 -6.55 -1.99
N LYS B 75 -17.93 -7.53 -2.45
CA LYS B 75 -18.39 -8.90 -2.56
C LYS B 75 -17.21 -9.86 -2.73
N ALA B 93 -29.84 -0.43 -14.80
CA ALA B 93 -29.24 -1.60 -15.43
C ALA B 93 -28.01 -2.07 -14.66
N GLU B 94 -27.94 -1.67 -13.39
CA GLU B 94 -26.81 -2.00 -12.50
C GLU B 94 -25.49 -1.58 -13.13
N PRO B 95 -25.22 -0.28 -13.29
CA PRO B 95 -23.95 0.13 -13.90
C PRO B 95 -22.73 -0.13 -13.01
N PHE B 96 -22.94 -0.51 -11.76
CA PHE B 96 -21.82 -0.80 -10.86
C PHE B 96 -21.88 -2.23 -10.36
N LYS B 97 -21.93 -3.19 -11.28
CA LYS B 97 -21.97 -4.61 -10.95
C LYS B 97 -20.77 -5.33 -11.53
N SER B 98 -19.87 -4.61 -12.19
CA SER B 98 -18.73 -5.25 -12.83
C SER B 98 -17.58 -5.48 -11.85
N TYR B 99 -17.46 -4.62 -10.83
CA TYR B 99 -16.48 -4.79 -9.76
C TYR B 99 -15.06 -4.85 -10.30
N PHE B 100 -14.75 -3.90 -11.18
CA PHE B 100 -13.41 -3.76 -11.76
C PHE B 100 -12.60 -2.70 -11.03
N ALA B 101 -12.56 -2.75 -9.70
CA ALA B 101 -11.89 -1.72 -8.91
C ALA B 101 -11.11 -2.36 -7.78
N LYS B 102 -9.78 -2.16 -7.80
CA LYS B 102 -8.89 -2.62 -6.75
C LYS B 102 -7.88 -1.51 -6.46
N GLY B 103 -7.05 -1.73 -5.45
CA GLY B 103 -5.99 -0.81 -5.10
C GLY B 103 -6.44 0.39 -4.29
N PHE B 104 -7.14 1.32 -4.94
CA PHE B 104 -7.63 2.51 -4.26
C PHE B 104 -8.87 3.02 -4.97
N LEU B 105 -9.52 4.01 -4.34
CA LEU B 105 -10.70 4.64 -4.91
C LEU B 105 -10.53 6.15 -4.74
N SER B 106 -10.80 6.90 -5.81
CA SER B 106 -10.67 8.35 -5.81
C SER B 106 -12.03 8.97 -5.52
N ILE B 107 -12.25 9.34 -4.26
CA ILE B 107 -13.50 9.96 -3.84
C ILE B 107 -13.42 11.44 -4.20
N ASP B 108 -14.00 11.81 -5.34
CA ASP B 108 -13.95 13.17 -5.85
C ASP B 108 -15.38 13.67 -6.04
N SER B 109 -15.74 14.72 -5.30
CA SER B 109 -17.08 15.29 -5.36
C SER B 109 -17.18 16.48 -6.31
N GLY B 110 -16.06 17.00 -6.79
CA GLY B 110 -16.07 18.20 -7.62
C GLY B 110 -15.54 19.37 -6.82
N TYR B 111 -15.87 19.40 -5.54
CA TYR B 111 -15.37 20.42 -4.63
C TYR B 111 -14.22 19.93 -3.77
N PHE B 112 -14.05 18.61 -3.64
CA PHE B 112 -13.00 18.05 -2.80
C PHE B 112 -12.69 16.64 -3.28
N SER B 113 -11.42 16.36 -3.54
CA SER B 113 -10.98 15.05 -3.98
C SER B 113 -10.17 14.38 -2.87
N ALA B 114 -10.21 13.05 -2.85
CA ALA B 114 -9.49 12.28 -1.85
C ALA B 114 -9.20 10.90 -2.40
N LYS B 115 -7.94 10.45 -2.26
CA LYS B 115 -7.54 9.11 -2.68
C LYS B 115 -7.55 8.22 -1.44
N CYS B 116 -8.63 7.47 -1.27
CA CYS B 116 -8.83 6.64 -0.09
C CYS B 116 -8.48 5.19 -0.44
N TYR B 117 -7.73 4.54 0.45
CA TYR B 117 -7.28 3.17 0.25
C TYR B 117 -8.03 2.23 1.17
N PRO B 118 -8.56 1.12 0.66
CA PRO B 118 -9.16 0.13 1.54
C PRO B 118 -8.10 -0.71 2.23
N ARG B 119 -8.49 -1.35 3.32
CA ARG B 119 -7.55 -2.23 4.01
C ARG B 119 -7.19 -3.45 3.16
N SER B 120 -8.12 -3.90 2.31
CA SER B 120 -7.87 -5.00 1.38
C SER B 120 -7.41 -6.26 2.09
N LEU B 127 -5.91 1.82 12.10
CA LEU B 127 -6.81 2.79 12.70
C LEU B 127 -6.86 2.66 14.22
N ILE B 128 -6.53 3.74 14.91
CA ILE B 128 -6.53 3.76 16.37
C ILE B 128 -7.95 4.01 16.84
N ASN B 129 -8.19 3.90 18.14
CA ASN B 129 -9.55 3.97 18.67
C ASN B 129 -9.93 5.35 19.17
N VAL B 130 -8.98 6.26 19.36
CA VAL B 130 -9.23 7.64 19.78
C VAL B 130 -10.23 7.78 20.93
N ALA B 135 -6.20 11.91 26.19
CA ALA B 135 -5.46 12.19 27.42
C ALA B 135 -4.87 13.60 27.38
N ARG B 136 -4.63 14.18 28.55
CA ARG B 136 -4.02 15.50 28.66
C ARG B 136 -2.62 15.39 29.23
N ILE B 137 -1.67 16.10 28.60
CA ILE B 137 -0.26 16.06 28.95
C ILE B 137 0.08 17.29 29.78
N ALA B 138 1.09 17.16 30.64
CA ALA B 138 1.52 18.25 31.49
C ALA B 138 2.18 19.36 30.66
N GLU B 139 2.43 20.49 31.30
CA GLU B 139 2.98 21.67 30.65
C GLU B 139 4.44 21.84 31.03
N THR B 140 5.24 22.32 30.07
CA THR B 140 6.65 22.60 30.28
C THR B 140 7.00 23.95 29.67
N PRO B 141 7.96 24.68 30.26
CA PRO B 141 8.40 25.95 29.69
C PRO B 141 9.23 25.76 28.42
N PRO B 143 10.47 27.50 24.26
CA PRO B 143 10.49 28.28 23.02
C PRO B 143 9.11 28.43 22.40
N LYS B 144 8.84 29.57 21.78
CA LYS B 144 7.54 29.83 21.18
C LYS B 144 7.53 29.69 19.66
N THR B 145 8.70 29.64 19.02
CA THR B 145 8.77 29.47 17.57
C THR B 145 9.86 28.47 17.19
N SER B 147 13.20 27.48 14.18
CA SER B 147 13.01 26.96 12.83
C SER B 147 12.48 25.53 12.86
N LEU B 148 12.38 24.91 11.68
CA LEU B 148 11.93 23.53 11.58
C LEU B 148 13.08 22.54 11.46
N LYS B 149 14.31 23.01 11.22
CA LYS B 149 15.46 22.12 11.23
C LYS B 149 15.64 21.48 12.61
N THR B 150 15.22 22.16 13.67
CA THR B 150 15.28 21.66 15.03
C THR B 150 14.02 22.09 15.75
N ILE B 151 13.19 21.12 16.15
CA ILE B 151 11.97 21.39 16.87
C ILE B 151 11.85 20.51 18.11
N ASN B 152 12.83 19.63 18.34
CA ASN B 152 12.86 18.61 19.40
C ASN B 152 11.47 18.20 19.85
N CYS B 153 10.71 17.57 18.96
CA CYS B 153 9.38 17.10 19.28
C CYS B 153 9.36 15.59 19.21
N ILE B 154 8.87 14.95 20.26
CA ILE B 154 8.62 13.52 20.18
C ILE B 154 7.42 13.26 19.30
N ASN B 155 6.50 14.23 19.19
CA ASN B 155 5.30 14.09 18.38
C ASN B 155 5.53 14.45 16.92
N LEU B 156 6.58 15.19 16.61
CA LEU B 156 6.81 15.66 15.25
C LEU B 156 8.16 15.19 14.72
N ARG B 157 8.18 14.83 13.45
N ARG B 157 8.18 14.83 13.44
CA ARG B 157 9.41 14.50 12.71
CA ARG B 157 9.40 14.50 12.71
C ARG B 157 9.45 15.38 11.48
C ARG B 157 9.46 15.37 11.47
N ALA B 158 10.29 16.40 11.51
CA ALA B 158 10.41 17.37 10.43
C ALA B 158 11.56 16.95 9.52
N SER B 159 11.25 16.76 8.24
CA SER B 159 12.25 16.44 7.25
C SER B 159 12.18 17.47 6.13
N VAL B 160 13.35 17.83 5.61
CA VAL B 160 13.47 18.77 4.50
C VAL B 160 14.11 18.01 3.35
N PHE B 161 13.41 17.91 2.25
CA PHE B 161 13.95 17.19 1.10
C PHE B 161 14.55 18.19 0.14
N LYS B 162 15.85 18.45 0.35
CA LYS B 162 16.67 19.15 -0.63
C LYS B 162 16.78 18.34 -1.92
N GLU B 163 16.28 17.10 -1.89
CA GLU B 163 16.21 16.25 -3.06
C GLU B 163 15.46 16.97 -4.16
N HIS B 164 14.59 17.90 -3.79
CA HIS B 164 14.01 18.85 -4.73
C HIS B 164 13.60 20.12 -3.99
N ARG B 165 12.31 20.25 -3.68
CA ARG B 165 11.77 21.50 -3.12
C ARG B 165 10.46 21.15 -2.41
N GLU B 166 10.57 20.70 -1.16
CA GLU B 166 9.39 20.30 -0.39
C GLU B 166 9.80 20.08 1.06
N VAL B 167 8.80 20.18 1.95
CA VAL B 167 9.01 20.02 3.40
C VAL B 167 7.88 19.16 3.98
N GLU B 168 8.24 18.07 4.65
CA GLU B 168 7.27 17.19 5.29
C GLU B 168 7.45 17.20 6.79
N ILE B 169 6.34 17.34 7.51
CA ILE B 169 6.33 17.36 8.98
C ILE B 169 5.47 16.19 9.44
N ASN B 170 6.09 15.03 9.65
CA ASN B 170 5.38 13.87 10.14
C ASN B 170 4.90 14.07 11.58
N VAL B 171 3.69 13.62 11.86
CA VAL B 171 3.13 13.68 13.21
C VAL B 171 2.95 12.26 13.72
N LEU B 172 3.12 12.10 15.03
CA LEU B 172 2.97 10.79 15.67
C LEU B 172 1.78 10.69 16.61
N LEU B 173 1.24 11.82 17.10
CA LEU B 173 0.08 11.84 17.98
C LEU B 173 -1.08 12.51 17.26
N PRO B 174 -1.89 11.77 16.50
CA PRO B 174 -2.97 12.42 15.72
C PRO B 174 -4.02 13.11 16.58
N GLN B 175 -4.24 12.65 17.81
CA GLN B 175 -5.23 13.30 18.66
C GLN B 175 -4.84 14.74 18.95
N ILE B 176 -3.56 14.99 19.27
CA ILE B 176 -3.07 16.35 19.34
C ILE B 176 -3.11 16.97 17.95
N ALA B 177 -3.87 18.05 17.81
CA ALA B 177 -4.11 18.66 16.50
C ALA B 177 -3.04 19.70 16.19
N VAL B 178 -2.82 19.93 14.89
CA VAL B 178 -1.91 20.95 14.41
C VAL B 178 -2.71 21.89 13.50
N ASN B 179 -3.02 23.08 14.01
CA ASN B 179 -3.78 24.05 13.24
C ASN B 179 -2.86 24.84 12.30
N LEU B 180 -3.23 24.87 11.02
CA LEU B 180 -2.52 25.67 10.03
C LEU B 180 -3.13 27.07 9.96
N SER B 181 -2.33 28.01 9.46
CA SER B 181 -2.78 29.40 9.30
C SER B 181 -2.14 29.98 8.04
N ASN B 182 -2.99 30.45 7.13
CA ASN B 182 -2.55 31.03 5.86
C ASN B 182 -1.63 30.06 5.11
N CYS B 183 -2.12 28.84 4.93
CA CYS B 183 -1.29 27.75 4.43
C CYS B 183 -2.08 26.87 3.48
N HIS B 184 -1.35 26.23 2.57
CA HIS B 184 -1.92 25.25 1.64
CA HIS B 184 -1.93 25.24 1.65
C HIS B 184 -1.03 24.01 1.67
N VAL B 185 -1.53 22.94 2.29
CA VAL B 185 -0.77 21.71 2.46
C VAL B 185 -1.46 20.58 1.71
N VAL B 186 -0.71 19.48 1.56
CA VAL B 186 -1.25 18.20 1.12
C VAL B 186 -0.86 17.18 2.18
N ILE B 187 -1.84 16.53 2.78
CA ILE B 187 -1.58 15.60 3.87
C ILE B 187 -1.78 14.17 3.36
N ASN B 188 -0.83 13.31 3.66
CA ASN B 188 -0.86 11.90 3.29
C ASN B 188 -1.05 11.04 4.53
N SER B 189 -1.60 9.85 4.32
CA SER B 189 -1.86 8.92 5.42
C SER B 189 -2.06 7.54 4.83
N HIS B 190 -2.22 6.55 5.72
CA HIS B 190 -2.49 5.19 5.32
C HIS B 190 -3.98 4.93 5.12
N VAL B 191 -4.82 5.95 5.29
CA VAL B 191 -6.25 5.82 5.13
C VAL B 191 -6.77 6.64 3.95
N CYS B 192 -6.21 7.82 3.71
CA CYS B 192 -6.66 8.67 2.61
C CYS B 192 -5.72 9.87 2.41
N ASP B 193 -5.29 10.11 1.17
CA ASP B 193 -4.49 11.27 0.84
C ASP B 193 -5.35 12.34 0.19
N TYR B 194 -5.12 13.59 0.59
CA TYR B 194 -5.88 14.72 0.06
C TYR B 194 -5.17 16.00 0.46
N SER B 195 -5.61 17.11 -0.13
CA SER B 195 -5.00 18.41 0.09
C SER B 195 -5.93 19.33 0.89
N LEU B 196 -5.32 20.19 1.71
CA LEU B 196 -6.04 21.11 2.58
C LEU B 196 -5.59 22.54 2.37
N ASP B 197 -6.56 23.46 2.40
CA ASP B 197 -6.29 24.89 2.40
C ASP B 197 -7.03 25.67 3.47
N THR B 198 -8.09 25.10 4.06
CA THR B 198 -8.85 25.79 5.10
C THR B 198 -8.00 25.95 6.36
N ASP B 199 -7.99 27.16 6.90
CA ASP B 199 -7.22 27.45 8.09
C ASP B 199 -7.94 26.94 9.33
N GLY B 200 -7.19 26.38 10.27
CA GLY B 200 -7.74 25.80 11.47
C GLY B 200 -7.25 24.39 11.70
N PRO B 201 -8.02 23.61 12.44
CA PRO B 201 -7.59 22.24 12.76
C PRO B 201 -7.60 21.35 11.51
N VAL B 202 -6.59 20.48 11.42
CA VAL B 202 -6.52 19.55 10.30
C VAL B 202 -7.62 18.51 10.46
N ARG B 203 -8.39 18.29 9.39
CA ARG B 203 -9.52 17.37 9.42
C ARG B 203 -9.08 15.99 8.94
N LEU B 204 -9.19 15.00 9.83
CA LEU B 204 -8.79 13.64 9.56
C LEU B 204 -10.02 12.74 9.38
N PRO B 205 -9.92 11.70 8.54
CA PRO B 205 -11.05 10.79 8.37
C PRO B 205 -11.41 10.10 9.68
N ARG B 206 -12.71 9.83 9.83
CA ARG B 206 -13.22 9.21 11.05
C ARG B 206 -14.23 8.13 10.66
N ILE B 207 -13.85 6.88 10.87
CA ILE B 207 -14.71 5.73 10.56
C ILE B 207 -15.41 5.31 11.85
N TYR B 208 -16.68 4.94 11.73
CA TYR B 208 -17.49 4.54 12.86
C TYR B 208 -17.73 3.03 12.80
N HIS B 209 -17.14 2.30 13.76
CA HIS B 209 -17.34 0.85 13.84
C HIS B 209 -17.08 0.47 15.30
N GLU B 210 -18.15 0.33 16.07
CA GLU B 210 -18.08 0.11 17.52
C GLU B 210 -17.35 1.24 18.24
N GLY B 211 -17.21 2.39 17.57
CA GLY B 211 -16.44 3.50 18.09
C GLY B 211 -15.91 4.32 16.95
N THR B 212 -15.12 5.33 17.31
CA THR B 212 -14.55 6.27 16.35
C THR B 212 -13.10 5.87 16.05
N PHE B 213 -12.83 5.58 14.78
CA PHE B 213 -11.50 5.18 14.34
C PHE B 213 -10.88 6.27 13.48
N MET B 214 -9.70 6.73 13.87
CA MET B 214 -8.92 7.73 13.15
C MET B 214 -7.57 7.14 12.76
N PRO B 215 -6.94 7.66 11.71
CA PRO B 215 -5.64 7.12 11.29
C PRO B 215 -4.58 7.23 12.39
N GLY B 216 -3.62 6.31 12.33
CA GLY B 216 -2.59 6.25 13.35
C GLY B 216 -1.52 7.32 13.22
N THR B 217 -1.29 7.81 12.00
CA THR B 217 -0.31 8.87 11.76
C THR B 217 -0.54 9.42 10.35
N TYR B 218 -0.28 10.71 10.19
CA TYR B 218 -0.40 11.37 8.90
C TYR B 218 0.81 12.25 8.65
N LYS B 219 1.04 12.52 7.36
CA LYS B 219 2.19 13.29 6.91
C LYS B 219 1.69 14.60 6.28
N ILE B 220 2.37 15.69 6.57
CA ILE B 220 2.00 17.01 6.07
C ILE B 220 3.14 17.51 5.19
N VAL B 221 2.92 17.51 3.88
CA VAL B 221 3.92 18.02 2.94
C VAL B 221 3.56 19.45 2.58
N ILE B 222 4.58 20.30 2.46
CA ILE B 222 4.40 21.71 2.12
C ILE B 222 5.40 22.06 1.03
N ASP B 223 4.89 22.54 -0.10
CA ASP B 223 5.75 22.95 -1.21
C ASP B 223 6.14 24.41 -0.98
N ARG B 224 7.43 24.63 -0.69
CA ARG B 224 7.89 26.01 -0.48
C ARG B 224 7.78 26.84 -1.75
N LYS B 225 8.15 26.26 -2.90
CA LYS B 225 8.04 26.94 -4.17
C LYS B 225 6.56 27.08 -4.55
N LEU B 228 3.65 30.27 -3.07
CA LEU B 228 2.29 30.43 -2.56
C LEU B 228 2.21 30.06 -1.08
N ASN B 229 3.13 29.21 -0.62
CA ASN B 229 3.15 28.77 0.76
C ASN B 229 4.20 29.53 1.56
N ASP B 230 4.19 30.85 1.40
CA ASP B 230 5.13 31.72 2.09
C ASP B 230 4.64 32.05 3.50
N ARG B 231 3.34 32.37 3.63
CA ARG B 231 2.77 32.83 4.89
C ARG B 231 2.22 31.68 5.74
N CYS B 232 2.75 30.48 5.57
CA CYS B 232 2.26 29.30 6.27
C CYS B 232 2.82 29.24 7.69
N THR B 233 1.93 29.18 8.68
CA THR B 233 2.32 29.00 10.07
C THR B 233 1.51 27.84 10.64
N LEU B 234 2.20 26.84 11.17
CA LEU B 234 1.56 25.70 11.82
C LEU B 234 1.80 25.81 13.33
N VAL B 235 0.72 25.82 14.11
CA VAL B 235 0.80 25.84 15.57
C VAL B 235 0.45 24.45 16.06
N THR B 236 1.36 23.82 16.79
CA THR B 236 1.20 22.48 17.30
C THR B 236 1.67 22.44 18.76
N ASN B 237 1.60 21.26 19.36
CA ASN B 237 2.04 21.04 20.73
C ASN B 237 3.27 20.14 20.69
N CYS B 238 4.44 20.76 20.84
CA CYS B 238 5.68 20.01 20.83
C CYS B 238 5.83 19.20 22.11
N VAL B 239 6.23 17.94 21.97
CA VAL B 239 6.36 17.04 23.10
C VAL B 239 7.85 16.94 23.46
N ILE B 240 8.17 17.28 24.71
CA ILE B 240 9.53 17.19 25.23
C ILE B 240 9.55 16.26 26.43
N LYS B 241 10.68 15.57 26.61
CA LYS B 241 10.87 14.62 27.71
C LYS B 241 9.81 13.52 27.67
N LYS B 247 14.56 7.74 29.37
CA LYS B 247 14.18 6.63 30.24
C LYS B 247 12.72 6.24 30.03
N GLY B 248 12.41 4.97 30.30
CA GLY B 248 11.02 4.54 30.30
C GLY B 248 10.20 5.17 31.40
N GLN B 249 10.84 5.56 32.50
CA GLN B 249 10.19 6.25 33.60
C GLN B 249 9.92 7.72 33.31
N SER B 250 10.20 8.18 32.09
CA SER B 250 10.05 9.59 31.77
C SER B 250 8.58 9.97 31.75
N VAL B 251 8.22 10.98 32.52
CA VAL B 251 6.88 11.53 32.50
C VAL B 251 6.75 12.39 31.25
N LEU B 252 5.56 12.44 30.66
CA LEU B 252 5.41 13.09 29.38
C LEU B 252 5.08 14.55 29.60
N ARG B 253 5.59 15.41 28.71
CA ARG B 253 5.45 16.85 28.87
C ARG B 253 5.03 17.47 27.54
N GLN B 254 4.57 18.71 27.60
CA GLN B 254 3.97 19.37 26.44
C GLN B 254 4.22 20.86 26.51
N TYR B 255 4.64 21.46 25.40
CA TYR B 255 4.78 22.90 25.30
C TYR B 255 4.40 23.35 23.89
N LYS B 256 3.72 24.49 23.82
CA LYS B 256 3.23 25.00 22.55
C LYS B 256 4.40 25.47 21.69
N THR B 257 4.23 25.37 20.38
CA THR B 257 5.23 25.82 19.42
C THR B 257 4.53 26.24 18.14
N GLU B 258 5.07 27.27 17.49
CA GLU B 258 4.55 27.78 16.23
C GLU B 258 5.62 27.54 15.17
N ILE B 259 5.34 26.62 14.25
CA ILE B 259 6.30 26.28 13.20
C ILE B 259 6.15 27.26 12.05
N LYS B 260 7.22 27.98 11.75
CA LYS B 260 7.24 28.94 10.66
C LYS B 260 8.04 28.36 9.50
N ILE B 261 7.51 28.54 8.30
CA ILE B 261 8.15 27.99 7.11
C ILE B 261 8.73 29.11 6.25
C1 NAG C . 14.77 -15.77 11.86
C2 NAG C . 15.44 -14.85 12.90
C3 NAG C . 16.81 -15.38 13.27
C4 NAG C . 16.73 -16.83 13.73
C5 NAG C . 16.03 -17.67 12.65
C6 NAG C . 15.79 -19.10 13.08
C7 NAG C . 14.65 -12.53 12.66
C8 NAG C . 14.93 -11.18 12.07
N2 NAG C . 15.55 -13.49 12.39
O3 NAG C . 17.37 -14.58 14.31
O4 NAG C . 18.03 -17.35 13.95
O5 NAG C . 14.74 -17.11 12.36
O6 NAG C . 17.01 -19.75 13.43
O7 NAG C . 13.66 -12.73 13.36
C1 NAG D . 6.04 -29.78 -6.82
C2 NAG D . 5.39 -30.89 -5.97
C3 NAG D . 6.39 -31.46 -4.95
C4 NAG D . 7.69 -31.85 -5.63
C5 NAG D . 8.25 -30.66 -6.39
C6 NAG D . 9.52 -30.97 -7.14
C7 NAG D . 3.28 -31.18 -4.74
C8 NAG D . 2.13 -30.48 -4.07
N2 NAG D . 4.21 -30.39 -5.28
O3 NAG D . 5.82 -32.59 -4.31
O4 NAG D . 8.64 -32.26 -4.65
O5 NAG D . 7.28 -30.25 -7.37
O6 NAG D . 9.38 -32.11 -7.98
O7 NAG D . 3.35 -32.40 -4.79
I IOD E . 15.28 8.42 -8.86
I IOD F . -17.42 -10.31 -11.18
C1 NAG G . -12.75 1.01 20.89
C2 NAG G . -12.60 -0.49 20.63
C3 NAG G . -13.97 -1.14 20.50
C4 NAG G . -14.82 -0.81 21.71
C5 NAG G . -14.88 0.69 21.96
C6 NAG G . -15.60 1.06 23.23
C7 NAG G . -10.49 -1.01 19.51
C8 NAG G . -9.81 -1.25 18.19
N2 NAG G . -11.79 -0.74 19.44
O3 NAG G . -13.83 -2.54 20.36
O4 NAG G . -16.15 -1.31 21.53
O5 NAG G . -13.56 1.22 22.06
O6 NAG G . -15.15 0.29 24.33
O7 NAG G . -9.88 -1.05 20.57
C1 NAG H . -5.79 24.65 17.68
C2 NAG H . -4.97 25.07 18.92
C3 NAG H . -5.68 24.65 20.20
C4 NAG H . -7.11 25.14 20.21
C5 NAG H . -7.83 24.65 18.96
C6 NAG H . -9.25 25.15 18.85
C7 NAG H . -3.33 23.22 18.83
C8 NAG H . -1.87 22.88 18.83
N2 NAG H . -3.61 24.52 18.88
O3 NAG H . -4.97 25.17 21.32
O4 NAG H . -7.79 24.64 21.36
O5 NAG H . -7.13 25.14 17.80
O6 NAG H . -10.02 24.74 19.96
O7 NAG H . -4.20 22.35 18.78
I IOD I . -17.87 -0.97 -11.29
I IOD J . 1.73 10.64 30.36
#